data_6KVJ
#
_entry.id   6KVJ
#
_cell.length_a   98.244
_cell.length_b   98.244
_cell.length_c   90.367
_cell.angle_alpha   90.000
_cell.angle_beta   90.000
_cell.angle_gamma   120.000
#
_symmetry.space_group_name_H-M   'P 31 2 1'
#
loop_
_entity.id
_entity.type
_entity.pdbx_description
1 polymer 'UDP-glycosyltransferase 76G1'
2 non-polymer "URIDINE-5'-DIPHOSPHATE-XYLOPYRANOSE"
3 water water
#
_entity_poly.entity_id   1
_entity_poly.type   'polypeptide(L)'
_entity_poly.pdbx_seq_one_letter_code
;MMENKTETTVRRRRRIILFPVPFQGHINPILQLANVLYSKGFSITIFHTNFNKPKTSNYPHFTFRFILDNDPQDERISNL
PTHGPLAGMRIPIINEHGADELRRELELLMLASEEDEEVSCLITDALWYFAQSVADSLNLRRLVLMTSSLFNFHAHVSLP
QFDELGYLDPDDKTRLEEQASGFPMLKVKDIKSAYSNWQILKEILGKMIKQTKASSGVIWNSFKELEESELETVIREIPA
PSFLIPLPKHLTASSSSLLDHDRTVFQWLDQQPPSSVLYVSFGSTSEVDEKDFLEIARGLVDSKQSFLWVVRPGFVKGST
WVEPLPDGFLGERGRIVKWVPQQEVLAHGAIGAFWTHSGWNSTLESVCEGVPMIFSDFGLDQPLNARYMSDVLKVGVYLE
NGWERGEIANAIRRVMVDEEGEYIRQNARVLKQKADVSLMKGGSSYESLESLVSYISSLTS
;
_entity_poly.pdbx_strand_id   A
#
# COMPACT_ATOMS: atom_id res chain seq x y z
N ARG A 13 -7.94 -30.21 -8.77
CA ARG A 13 -8.40 -28.93 -8.22
C ARG A 13 -7.61 -28.52 -6.96
N ARG A 14 -7.14 -27.28 -6.92
CA ARG A 14 -6.24 -26.79 -5.89
C ARG A 14 -6.82 -25.57 -5.20
N ARG A 15 -6.65 -25.50 -3.88
CA ARG A 15 -7.11 -24.38 -3.06
C ARG A 15 -5.91 -23.60 -2.56
N ILE A 16 -6.04 -22.27 -2.54
CA ILE A 16 -5.07 -21.37 -1.93
C ILE A 16 -5.76 -20.69 -0.74
N ILE A 17 -5.06 -20.66 0.40
CA ILE A 17 -5.50 -19.92 1.58
C ILE A 17 -4.70 -18.63 1.67
N LEU A 18 -5.40 -17.52 1.83
CA LEU A 18 -4.74 -16.22 1.97
C LEU A 18 -5.13 -15.58 3.30
N PHE A 19 -4.16 -14.91 3.93
CA PHE A 19 -4.31 -14.38 5.29
C PHE A 19 -3.82 -12.93 5.29
N PRO A 20 -4.72 -11.95 5.09
CA PRO A 20 -4.30 -10.54 5.09
C PRO A 20 -4.12 -9.98 6.49
N VAL A 21 -3.30 -8.94 6.54
CA VAL A 21 -3.36 -7.98 7.65
C VAL A 21 -4.62 -7.14 7.47
N PRO A 22 -5.55 -7.00 8.56
CA PRO A 22 -6.88 -6.37 8.38
C PRO A 22 -6.82 -4.85 8.42
N PHE A 23 -6.07 -4.26 7.49
CA PHE A 23 -6.10 -2.83 7.22
C PHE A 23 -6.21 -2.64 5.72
N GLN A 24 -6.74 -1.47 5.33
CA GLN A 24 -7.18 -1.27 3.94
C GLN A 24 -6.06 -1.52 2.94
N GLY A 25 -4.89 -0.95 3.18
CA GLY A 25 -3.74 -1.14 2.31
C GLY A 25 -3.10 -2.51 2.36
N HIS A 26 -3.66 -3.42 3.15
CA HIS A 26 -3.19 -4.80 3.16
C HIS A 26 -4.19 -5.80 2.58
N ILE A 27 -5.48 -5.66 2.91
CA ILE A 27 -6.47 -6.57 2.30
C ILE A 27 -6.66 -6.24 0.82
N ASN A 28 -6.60 -4.95 0.47
CA ASN A 28 -6.68 -4.57 -0.95
C ASN A 28 -5.69 -5.36 -1.80
N PRO A 29 -4.36 -5.24 -1.62
CA PRO A 29 -3.46 -6.03 -2.46
C PRO A 29 -3.76 -7.51 -2.38
N ILE A 30 -4.05 -8.03 -1.18
CA ILE A 30 -4.14 -9.48 -1.04
C ILE A 30 -5.42 -10.04 -1.67
N LEU A 31 -6.55 -9.32 -1.62
CA LEU A 31 -7.76 -9.77 -2.31
C LEU A 31 -7.67 -9.57 -3.83
N GLN A 32 -6.92 -8.57 -4.32
CA GLN A 32 -6.60 -8.50 -5.74
C GLN A 32 -5.82 -9.74 -6.19
N LEU A 33 -4.78 -10.11 -5.43
CA LEU A 33 -4.05 -11.35 -5.72
C LEU A 33 -4.98 -12.56 -5.73
N ALA A 34 -5.91 -12.66 -4.77
CA ALA A 34 -6.80 -13.81 -4.72
C ALA A 34 -7.72 -13.85 -5.94
N ASN A 35 -8.25 -12.71 -6.39
CA ASN A 35 -9.03 -12.68 -7.63
C ASN A 35 -8.18 -13.14 -8.83
N VAL A 36 -6.95 -12.64 -8.94
CA VAL A 36 -6.07 -13.05 -10.03
C VAL A 36 -5.85 -14.56 -9.98
N LEU A 37 -5.49 -15.09 -8.81
CA LEU A 37 -5.26 -16.53 -8.66
C LEU A 37 -6.52 -17.33 -8.95
N TYR A 38 -7.69 -16.79 -8.56
CA TYR A 38 -8.97 -17.44 -8.84
C TYR A 38 -9.23 -17.50 -10.34
N SER A 39 -8.77 -16.47 -11.08
CA SER A 39 -8.87 -16.45 -12.54
C SER A 39 -8.00 -17.50 -13.21
N LYS A 40 -6.89 -17.90 -12.57
CA LYS A 40 -6.04 -18.97 -13.06
C LYS A 40 -6.49 -20.37 -12.61
N GLY A 41 -7.64 -20.48 -11.94
CA GLY A 41 -8.23 -21.78 -11.67
C GLY A 41 -8.09 -22.31 -10.27
N PHE A 42 -7.72 -21.48 -9.29
CA PHE A 42 -7.59 -21.91 -7.90
C PHE A 42 -8.88 -21.64 -7.12
N SER A 43 -9.13 -22.50 -6.12
CA SER A 43 -10.13 -22.22 -5.09
C SER A 43 -9.54 -21.26 -4.08
N ILE A 44 -10.36 -20.35 -3.56
CA ILE A 44 -9.88 -19.37 -2.59
C ILE A 44 -10.60 -19.55 -1.26
N THR A 45 -9.80 -19.66 -0.19
CA THR A 45 -10.22 -19.47 1.19
C THR A 45 -9.41 -18.31 1.76
N ILE A 46 -10.10 -17.35 2.37
CA ILE A 46 -9.49 -16.20 3.03
C ILE A 46 -9.65 -16.36 4.54
N PHE A 47 -8.53 -16.30 5.26
CA PHE A 47 -8.55 -16.20 6.72
C PHE A 47 -8.49 -14.74 7.15
N HIS A 48 -9.41 -14.34 8.02
CA HIS A 48 -9.47 -12.95 8.41
C HIS A 48 -9.86 -12.86 9.88
N THR A 49 -9.37 -11.81 10.53
CA THR A 49 -9.97 -11.40 11.79
C THR A 49 -11.38 -10.87 11.53
N ASN A 50 -12.19 -10.86 12.59
CA ASN A 50 -13.45 -10.11 12.50
C ASN A 50 -13.18 -8.61 12.38
N PHE A 51 -12.16 -8.12 13.08
CA PHE A 51 -11.80 -6.71 13.08
C PHE A 51 -11.50 -6.25 11.67
N ASN A 52 -12.17 -5.17 11.25
CA ASN A 52 -11.92 -4.57 9.93
C ASN A 52 -12.18 -5.55 8.79
N LYS A 53 -13.19 -6.42 8.95
CA LYS A 53 -13.44 -7.44 7.93
C LYS A 53 -14.00 -6.82 6.65
N PRO A 54 -13.67 -7.37 5.48
CA PRO A 54 -14.31 -6.90 4.23
C PRO A 54 -15.76 -7.34 4.16
N LYS A 55 -16.49 -6.69 3.24
CA LYS A 55 -17.85 -7.12 2.88
C LYS A 55 -17.72 -8.45 2.13
N THR A 56 -17.94 -9.56 2.84
CA THR A 56 -17.77 -10.89 2.25
C THR A 56 -18.87 -11.23 1.26
N SER A 57 -20.00 -10.53 1.32
CA SER A 57 -21.00 -10.64 0.27
C SER A 57 -20.51 -10.12 -1.09
N ASN A 58 -19.40 -9.35 -1.14
CA ASN A 58 -18.77 -8.97 -2.41
C ASN A 58 -17.86 -10.04 -2.97
N TYR A 59 -17.71 -11.18 -2.30
CA TYR A 59 -16.78 -12.21 -2.74
C TYR A 59 -17.53 -13.54 -2.77
N PRO A 60 -18.61 -13.66 -3.55
CA PRO A 60 -19.37 -14.91 -3.55
C PRO A 60 -18.51 -16.09 -3.92
N HIS A 61 -17.44 -15.87 -4.67
CA HIS A 61 -16.58 -16.94 -5.16
C HIS A 61 -15.47 -17.34 -4.19
N PHE A 62 -15.32 -16.63 -3.05
CA PHE A 62 -14.36 -16.91 -1.99
C PHE A 62 -15.06 -17.55 -0.79
N THR A 63 -14.33 -18.41 -0.09
CA THR A 63 -14.74 -18.90 1.22
C THR A 63 -14.07 -18.04 2.29
N PHE A 64 -14.85 -17.56 3.25
CA PHE A 64 -14.32 -16.70 4.30
C PHE A 64 -14.34 -17.43 5.64
N ARG A 65 -13.21 -17.43 6.33
CA ARG A 65 -13.07 -18.08 7.63
C ARG A 65 -12.48 -17.07 8.62
N PHE A 66 -13.25 -16.70 9.65
CA PHE A 66 -12.85 -15.68 10.61
C PHE A 66 -12.16 -16.31 11.82
N ILE A 67 -10.98 -15.77 12.18
CA ILE A 67 -10.07 -16.42 13.11
C ILE A 67 -9.48 -15.38 14.05
N LEU A 68 -8.88 -15.87 15.15
CA LEU A 68 -8.06 -15.10 16.08
C LEU A 68 -8.70 -13.89 16.76
N ASP A 69 -9.91 -13.56 16.35
CA ASP A 69 -10.55 -12.30 16.65
C ASP A 69 -11.91 -12.61 17.26
N ASN A 70 -12.23 -13.88 17.42
CA ASN A 70 -13.59 -14.31 17.73
C ASN A 70 -13.98 -14.14 19.18
N ASP A 71 -15.16 -14.63 19.51
CA ASP A 71 -16.24 -13.84 20.08
C ASP A 71 -16.21 -13.86 21.60
N PRO A 72 -15.73 -14.95 22.17
CA PRO A 72 -15.11 -14.97 23.50
C PRO A 72 -13.73 -14.36 23.49
N GLN A 73 -13.67 -13.05 23.43
CA GLN A 73 -12.53 -12.38 22.90
C GLN A 73 -11.44 -12.37 23.94
N ASP A 74 -10.25 -12.78 23.53
CA ASP A 74 -9.05 -12.71 24.35
C ASP A 74 -8.75 -11.30 24.81
N GLU A 75 -8.21 -11.20 26.02
CA GLU A 75 -8.06 -9.93 26.72
C GLU A 75 -6.97 -9.01 26.24
N ARG A 76 -5.97 -9.54 25.53
CA ARG A 76 -4.95 -8.70 24.91
C ARG A 76 -5.51 -7.90 23.75
N ILE A 77 -6.53 -8.40 23.06
CA ILE A 77 -7.20 -7.67 22.00
C ILE A 77 -8.64 -7.32 22.36
N SER A 78 -9.13 -7.74 23.53
CA SER A 78 -10.54 -7.60 23.89
C SER A 78 -10.99 -6.15 23.92
N ASN A 79 -10.15 -5.28 24.48
CA ASN A 79 -10.46 -3.86 24.61
C ASN A 79 -9.70 -3.01 23.61
N LEU A 80 -8.78 -3.60 22.85
CA LEU A 80 -8.06 -2.83 21.85
C LEU A 80 -9.05 -2.12 20.94
N PRO A 81 -8.87 -0.83 20.68
CA PRO A 81 -9.85 -0.07 19.90
C PRO A 81 -9.63 -0.21 18.41
N THR A 82 -10.49 0.48 17.67
CA THR A 82 -10.77 0.23 16.27
C THR A 82 -10.30 1.38 15.39
N HIS A 83 -9.70 2.41 15.97
CA HIS A 83 -9.40 3.65 15.28
C HIS A 83 -7.97 4.08 15.62
N GLY A 84 -7.47 5.03 14.85
CA GLY A 84 -6.30 5.78 15.24
C GLY A 84 -4.99 5.03 15.11
N PRO A 85 -3.92 5.61 15.67
CA PRO A 85 -2.58 5.03 15.50
C PRO A 85 -2.44 3.69 16.18
N LEU A 86 -3.48 3.27 16.90
CA LEU A 86 -3.28 2.27 17.93
C LEU A 86 -3.84 0.88 17.57
N ALA A 87 -4.88 0.78 16.72
CA ALA A 87 -5.50 -0.53 16.45
C ALA A 87 -4.51 -1.53 15.89
N GLY A 88 -3.44 -1.03 15.25
CA GLY A 88 -2.39 -1.86 14.70
C GLY A 88 -1.63 -2.69 15.72
N MET A 89 -1.85 -2.46 17.02
CA MET A 89 -1.17 -3.30 17.99
C MET A 89 -1.61 -4.75 17.92
N ARG A 90 -2.70 -5.06 17.21
CA ARG A 90 -3.07 -6.44 16.97
C ARG A 90 -2.06 -7.21 16.13
N ILE A 91 -1.26 -6.52 15.32
CA ILE A 91 -0.28 -7.23 14.49
C ILE A 91 0.78 -7.85 15.40
N PRO A 92 1.45 -7.09 16.29
CA PRO A 92 2.37 -7.78 17.22
C PRO A 92 1.67 -8.73 18.15
N ILE A 93 0.46 -8.40 18.62
CA ILE A 93 -0.24 -9.30 19.54
C ILE A 93 -0.50 -10.64 18.88
N ILE A 94 -1.03 -10.62 17.65
CA ILE A 94 -1.37 -11.86 16.96
C ILE A 94 -0.12 -12.63 16.56
N ASN A 95 0.95 -11.92 16.19
CA ASN A 95 2.21 -12.62 15.88
C ASN A 95 2.73 -13.36 17.10
N GLU A 96 2.60 -12.77 18.29
CA GLU A 96 3.23 -13.45 19.41
C GLU A 96 2.32 -14.48 20.06
N HIS A 97 1.01 -14.47 19.79
CA HIS A 97 0.10 -15.38 20.48
C HIS A 97 -0.85 -16.16 19.59
N GLY A 98 -0.82 -15.95 18.29
CA GLY A 98 -1.82 -16.59 17.47
C GLY A 98 -1.47 -17.92 16.85
N ALA A 99 -0.26 -18.44 17.07
CA ALA A 99 0.20 -19.61 16.33
C ALA A 99 -0.73 -20.79 16.49
N ASP A 100 -1.11 -21.10 17.73
CA ASP A 100 -1.89 -22.30 17.98
C ASP A 100 -3.27 -22.22 17.35
N GLU A 101 -3.94 -21.05 17.40
CA GLU A 101 -5.23 -20.93 16.74
C GLU A 101 -5.09 -21.09 15.24
N LEU A 102 -4.09 -20.42 14.63
CA LEU A 102 -3.88 -20.54 13.19
C LEU A 102 -3.66 -22.00 12.78
N ARG A 103 -2.94 -22.76 13.61
CA ARG A 103 -2.66 -24.15 13.26
C ARG A 103 -3.91 -25.02 13.33
N ARG A 104 -4.74 -24.89 14.38
CA ARG A 104 -6.01 -25.62 14.40
C ARG A 104 -6.84 -25.28 13.18
N GLU A 105 -6.92 -23.98 12.84
CA GLU A 105 -7.80 -23.59 11.76
C GLU A 105 -7.29 -24.11 10.42
N LEU A 106 -5.98 -24.04 10.19
CA LEU A 106 -5.43 -24.68 8.99
C LEU A 106 -5.63 -26.19 9.04
N GLU A 107 -5.43 -26.82 10.21
CA GLU A 107 -5.70 -28.25 10.32
C GLU A 107 -7.16 -28.56 10.02
N LEU A 108 -8.09 -27.79 10.62
CA LEU A 108 -9.51 -28.03 10.38
C LEU A 108 -9.83 -27.94 8.89
N LEU A 109 -9.29 -26.93 8.21
CA LEU A 109 -9.61 -26.73 6.79
C LEU A 109 -9.02 -27.83 5.92
N MET A 110 -7.76 -28.20 6.16
CA MET A 110 -7.19 -29.35 5.48
C MET A 110 -7.98 -30.64 5.77
N LEU A 111 -8.38 -30.83 7.03
CA LEU A 111 -9.11 -32.04 7.39
C LEU A 111 -10.45 -32.10 6.67
N ALA A 112 -11.09 -30.94 6.50
CA ALA A 112 -12.40 -30.82 5.87
C ALA A 112 -12.33 -30.77 4.35
N SER A 113 -11.14 -30.75 3.76
CA SER A 113 -11.06 -30.68 2.30
C SER A 113 -11.50 -31.98 1.66
N GLU A 114 -12.30 -31.86 0.60
CA GLU A 114 -12.55 -33.01 -0.26
C GLU A 114 -11.22 -33.54 -0.80
N GLU A 115 -11.22 -34.80 -1.26
CA GLU A 115 -9.93 -35.40 -1.57
C GLU A 115 -9.48 -35.16 -3.02
N ASP A 116 -10.40 -34.83 -3.95
CA ASP A 116 -9.96 -34.31 -5.24
C ASP A 116 -9.38 -32.91 -5.13
N GLU A 117 -9.49 -32.30 -3.95
CA GLU A 117 -8.99 -30.96 -3.65
C GLU A 117 -7.75 -31.05 -2.78
N GLU A 118 -6.76 -30.21 -3.07
CA GLU A 118 -5.56 -30.13 -2.25
C GLU A 118 -5.23 -28.67 -1.95
N VAL A 119 -4.77 -28.41 -0.72
CA VAL A 119 -4.24 -27.09 -0.36
C VAL A 119 -2.85 -26.97 -0.95
N SER A 120 -2.70 -26.12 -1.98
CA SER A 120 -1.39 -25.94 -2.60
C SER A 120 -0.44 -25.15 -1.69
N CYS A 121 -0.92 -24.10 -1.03
CA CYS A 121 -0.05 -23.32 -0.16
C CYS A 121 -0.87 -22.32 0.63
N LEU A 122 -0.20 -21.69 1.59
CA LEU A 122 -0.67 -20.52 2.32
C LEU A 122 0.05 -19.29 1.79
N ILE A 123 -0.71 -18.22 1.49
CA ILE A 123 -0.13 -16.90 1.19
C ILE A 123 -0.57 -15.93 2.30
N THR A 124 0.42 -15.36 3.02
CA THR A 124 0.14 -14.37 4.06
C THR A 124 0.83 -13.06 3.74
N ASP A 125 0.29 -11.99 4.32
CA ASP A 125 1.04 -10.75 4.45
C ASP A 125 2.40 -11.05 5.07
N ALA A 126 3.44 -10.40 4.56
CA ALA A 126 4.77 -10.56 5.14
C ALA A 126 4.76 -10.26 6.64
N LEU A 127 3.91 -9.33 7.09
CA LEU A 127 3.85 -8.95 8.50
C LEU A 127 3.52 -10.12 9.42
N TRP A 128 2.74 -11.09 8.92
CA TRP A 128 2.44 -12.33 9.66
C TRP A 128 3.62 -13.31 9.58
N TYR A 129 4.73 -12.87 10.18
CA TYR A 129 5.91 -13.70 10.22
C TYR A 129 5.70 -14.96 11.06
N PHE A 130 4.72 -14.96 11.98
CA PHE A 130 4.45 -16.15 12.80
C PHE A 130 3.91 -17.30 11.97
N ALA A 131 3.26 -16.98 10.85
CA ALA A 131 2.67 -17.99 10.00
C ALA A 131 3.71 -18.95 9.44
N GLN A 132 4.99 -18.55 9.38
CA GLN A 132 5.98 -19.41 8.73
C GLN A 132 6.23 -20.69 9.54
N SER A 133 6.50 -20.56 10.84
CA SER A 133 6.69 -21.79 11.62
C SER A 133 5.38 -22.53 11.89
N VAL A 134 4.21 -21.90 11.68
CA VAL A 134 2.96 -22.65 11.69
C VAL A 134 2.84 -23.52 10.44
N ALA A 135 3.02 -22.93 9.26
CA ALA A 135 2.89 -23.69 8.02
C ALA A 135 3.94 -24.80 7.93
N ASP A 136 5.16 -24.55 8.42
CA ASP A 136 6.18 -25.60 8.45
C ASP A 136 5.72 -26.79 9.27
N SER A 137 5.09 -26.53 10.43
CA SER A 137 4.68 -27.59 11.33
C SER A 137 3.66 -28.51 10.68
N LEU A 138 2.90 -27.99 9.69
CA LEU A 138 1.87 -28.73 8.98
C LEU A 138 2.33 -29.22 7.61
N ASN A 139 3.64 -29.11 7.33
CA ASN A 139 4.21 -29.42 6.01
C ASN A 139 3.45 -28.72 4.88
N LEU A 140 3.06 -27.48 5.14
CA LEU A 140 2.38 -26.62 4.18
C LEU A 140 3.37 -25.53 3.73
N ARG A 141 3.46 -25.30 2.43
CA ARG A 141 4.33 -24.24 1.94
C ARG A 141 3.65 -22.89 2.13
N ARG A 142 4.41 -21.93 2.65
CA ARG A 142 3.90 -20.58 2.80
C ARG A 142 4.59 -19.64 1.81
N LEU A 143 3.79 -18.83 1.12
CA LEU A 143 4.33 -17.75 0.32
C LEU A 143 3.99 -16.43 0.97
N VAL A 144 4.86 -15.44 0.75
CA VAL A 144 4.74 -14.12 1.35
C VAL A 144 4.21 -13.16 0.28
N LEU A 145 3.32 -12.25 0.68
CA LEU A 145 2.92 -11.13 -0.17
C LEU A 145 3.44 -9.82 0.45
N MET A 146 4.29 -9.13 -0.31
CA MET A 146 4.87 -7.85 0.08
C MET A 146 3.97 -6.71 -0.38
N THR A 147 3.57 -5.87 0.57
CA THR A 147 2.66 -4.76 0.31
C THR A 147 3.35 -3.42 0.07
N SER A 148 4.67 -3.34 0.27
CA SER A 148 5.43 -2.15 -0.10
C SER A 148 6.46 -2.55 -1.16
N SER A 149 7.32 -1.60 -1.52
CA SER A 149 8.09 -1.68 -2.75
C SER A 149 9.42 -2.38 -2.54
N LEU A 150 9.96 -2.97 -3.63
CA LEU A 150 11.31 -3.52 -3.59
C LEU A 150 12.30 -2.50 -3.06
N PHE A 151 12.08 -1.21 -3.37
CA PHE A 151 13.01 -0.15 -2.97
C PHE A 151 13.06 -0.02 -1.47
N ASN A 152 11.90 -0.02 -0.81
CA ASN A 152 11.91 0.10 0.65
C ASN A 152 12.53 -1.15 1.30
N PHE A 153 12.33 -2.33 0.70
CA PHE A 153 12.99 -3.53 1.20
C PHE A 153 14.52 -3.41 1.10
N HIS A 154 15.01 -2.78 0.05
CA HIS A 154 16.44 -2.48 -0.04
C HIS A 154 16.88 -1.53 1.06
N ALA A 155 15.99 -0.64 1.50
CA ALA A 155 16.28 0.20 2.67
C ALA A 155 16.29 -0.63 3.95
N HIS A 156 15.34 -1.56 4.10
CA HIS A 156 15.25 -2.42 5.29
C HIS A 156 16.51 -3.25 5.51
N VAL A 157 17.04 -3.85 4.44
CA VAL A 157 18.24 -4.65 4.56
C VAL A 157 19.48 -3.76 4.66
N SER A 158 19.37 -2.51 4.26
CA SER A 158 20.43 -1.51 4.43
C SER A 158 20.49 -0.93 5.83
N LEU A 159 19.58 -1.34 6.74
CA LEU A 159 19.41 -0.69 8.04
C LEU A 159 20.62 -0.86 8.96
N PRO A 160 21.28 -2.03 9.02
CA PRO A 160 22.50 -2.14 9.85
C PRO A 160 23.55 -1.07 9.58
N GLN A 161 23.72 -0.69 8.31
CA GLN A 161 24.65 0.38 7.95
C GLN A 161 24.09 1.76 8.27
N PHE A 162 22.78 1.94 8.07
CA PHE A 162 22.15 3.20 8.44
C PHE A 162 22.33 3.50 9.93
N ASP A 163 22.00 2.53 10.80
CA ASP A 163 22.14 2.74 12.24
C ASP A 163 23.59 3.03 12.63
N GLU A 164 24.55 2.41 11.94
CA GLU A 164 25.96 2.59 12.31
C GLU A 164 26.53 3.88 11.74
N LEU A 165 25.98 4.39 10.65
CA LEU A 165 26.32 5.74 10.21
C LEU A 165 25.66 6.85 11.04
N GLY A 166 24.89 6.50 12.07
CA GLY A 166 24.23 7.49 12.90
C GLY A 166 22.93 8.02 12.36
N TYR A 167 22.26 7.26 11.49
CA TYR A 167 21.10 7.77 10.78
C TYR A 167 19.77 7.59 11.53
N LEU A 168 19.61 6.53 12.32
CA LEU A 168 18.31 6.33 12.94
C LEU A 168 18.22 6.90 14.34
N ASP A 169 19.29 7.53 14.83
CA ASP A 169 19.29 8.28 16.07
C ASP A 169 18.60 9.62 15.80
N PRO A 170 17.34 9.81 16.24
CA PRO A 170 16.62 11.04 15.89
C PRO A 170 17.01 12.22 16.78
N ASP A 171 17.43 11.92 18.00
CA ASP A 171 17.88 12.94 18.95
C ASP A 171 19.28 13.54 18.98
N ASP A 172 20.29 12.66 19.03
CA ASP A 172 21.66 13.05 19.39
C ASP A 172 22.32 13.33 18.05
N LYS A 173 21.96 12.59 17.00
CA LYS A 173 22.50 12.82 15.66
C LYS A 173 21.42 13.48 14.81
N THR A 174 21.65 14.75 14.44
CA THR A 174 20.84 15.49 13.48
C THR A 174 21.78 16.20 12.50
N ARG A 175 21.17 16.95 11.56
CA ARG A 175 21.79 17.98 10.71
C ARG A 175 23.00 17.45 9.91
N LEU A 176 22.70 16.49 9.03
CA LEU A 176 23.57 16.15 7.89
C LEU A 176 22.67 15.67 6.76
N GLU A 177 21.60 16.41 6.51
CA GLU A 177 20.39 15.87 5.90
C GLU A 177 20.48 15.61 4.41
N GLU A 178 21.59 15.79 3.70
CA GLU A 178 21.61 15.50 2.28
C GLU A 178 22.47 14.32 1.87
N GLN A 179 22.85 14.21 0.61
CA GLN A 179 22.99 12.90 0.02
C GLN A 179 23.52 11.66 0.72
N ALA A 180 22.66 10.68 0.92
CA ALA A 180 22.91 9.57 1.80
C ALA A 180 23.81 8.53 1.21
N SER A 181 24.20 7.57 2.03
CA SER A 181 25.58 7.07 2.07
C SER A 181 25.82 6.04 1.01
N GLY A 182 25.30 4.84 1.21
CA GLY A 182 25.55 3.85 0.18
C GLY A 182 24.25 3.78 -0.59
N PHE A 183 23.65 4.94 -0.82
CA PHE A 183 22.26 4.94 -1.20
C PHE A 183 21.88 6.28 -1.82
N PRO A 184 22.51 6.66 -2.93
CA PRO A 184 22.45 8.06 -3.37
C PRO A 184 21.08 8.51 -3.82
N MET A 185 20.11 7.58 -3.89
CA MET A 185 18.73 7.97 -4.16
C MET A 185 18.26 9.03 -3.18
N LEU A 186 18.44 8.76 -1.88
CA LEU A 186 17.79 9.48 -0.81
C LEU A 186 18.71 10.52 -0.18
N LYS A 187 18.08 11.43 0.56
CA LYS A 187 18.75 12.29 1.52
C LYS A 187 18.59 11.70 2.91
N VAL A 188 19.50 12.08 3.82
CA VAL A 188 19.43 11.59 5.20
C VAL A 188 18.10 11.97 5.84
N LYS A 189 17.58 13.15 5.47
CA LYS A 189 16.22 13.55 5.81
C LYS A 189 15.23 12.40 5.63
N ASP A 190 15.32 11.66 4.51
CA ASP A 190 14.35 10.63 4.17
C ASP A 190 14.53 9.36 5.02
N ILE A 191 15.75 9.06 5.44
CA ILE A 191 15.96 7.89 6.26
C ILE A 191 15.47 8.12 7.68
N LYS A 192 15.72 9.33 8.23
CA LYS A 192 15.21 9.66 9.56
C LYS A 192 13.67 9.66 9.59
N SER A 193 13.02 10.14 8.52
CA SER A 193 11.56 10.07 8.44
C SER A 193 11.09 8.63 8.40
N ALA A 194 11.81 7.76 7.68
CA ALA A 194 11.32 6.40 7.44
C ALA A 194 11.33 5.58 8.73
N TYR A 195 12.33 5.78 9.60
CA TYR A 195 12.55 4.91 10.75
C TYR A 195 12.53 5.72 12.05
N SER A 196 11.66 6.72 12.11
CA SER A 196 11.60 7.66 13.24
C SER A 196 11.28 6.94 14.54
N ASN A 197 10.07 6.39 14.68
CA ASN A 197 9.85 5.51 15.82
C ASN A 197 10.59 4.21 15.58
N TRP A 198 11.81 4.13 16.12
CA TRP A 198 12.79 3.14 15.70
C TRP A 198 12.45 1.75 16.28
N GLN A 199 12.69 1.41 17.56
CA GLN A 199 12.63 -0.03 17.88
C GLN A 199 11.24 -0.60 18.19
N ILE A 200 10.14 0.08 17.92
CA ILE A 200 8.97 -0.74 17.63
C ILE A 200 9.21 -1.49 16.34
N LEU A 201 9.63 -0.75 15.30
CA LEU A 201 9.75 -1.29 13.96
C LEU A 201 10.72 -2.46 13.87
N LYS A 202 11.88 -2.37 14.52
CA LYS A 202 12.97 -3.29 14.18
C LYS A 202 12.69 -4.72 14.57
N GLU A 203 11.83 -4.96 15.55
CA GLU A 203 11.56 -6.35 15.86
C GLU A 203 10.71 -6.99 14.79
N ILE A 204 9.63 -6.32 14.40
CA ILE A 204 8.84 -6.87 13.32
C ILE A 204 9.61 -6.85 12.00
N LEU A 205 10.22 -5.71 11.67
CA LEU A 205 11.03 -5.65 10.44
C LEU A 205 12.12 -6.71 10.46
N GLY A 206 12.68 -6.99 11.64
CA GLY A 206 13.63 -8.07 11.78
C GLY A 206 13.01 -9.43 11.50
N LYS A 207 11.99 -9.79 12.29
CA LYS A 207 11.37 -11.11 12.17
C LYS A 207 10.64 -11.26 10.84
N MET A 208 10.02 -10.19 10.35
CA MET A 208 9.39 -10.24 9.03
C MET A 208 10.41 -10.57 7.95
N ILE A 209 11.53 -9.83 7.91
CA ILE A 209 12.54 -10.13 6.90
C ILE A 209 13.07 -11.54 7.09
N LYS A 210 13.31 -11.93 8.34
CA LYS A 210 13.92 -13.25 8.60
C LYS A 210 13.02 -14.38 8.13
N GLN A 211 11.69 -14.23 8.28
CA GLN A 211 10.77 -15.29 7.86
C GLN A 211 10.26 -15.16 6.42
N THR A 212 10.32 -13.97 5.77
CA THR A 212 10.11 -14.03 4.33
C THR A 212 11.34 -14.60 3.61
N LYS A 213 12.54 -14.38 4.16
CA LYS A 213 13.72 -15.06 3.61
C LYS A 213 13.56 -16.57 3.69
N ALA A 214 12.92 -17.05 4.76
CA ALA A 214 12.63 -18.46 5.00
C ALA A 214 11.37 -18.96 4.30
N SER A 215 10.58 -18.09 3.68
CA SER A 215 9.36 -18.54 3.01
C SER A 215 9.72 -19.35 1.76
N SER A 216 8.68 -19.85 1.10
CA SER A 216 8.83 -20.56 -0.16
C SER A 216 8.74 -19.66 -1.39
N GLY A 217 8.44 -18.36 -1.20
CA GLY A 217 8.28 -17.50 -2.34
C GLY A 217 7.74 -16.15 -1.91
N VAL A 218 8.15 -15.10 -2.62
CA VAL A 218 7.78 -13.74 -2.28
C VAL A 218 7.10 -13.14 -3.51
N ILE A 219 5.87 -12.65 -3.33
CA ILE A 219 5.12 -11.98 -4.39
C ILE A 219 5.16 -10.49 -4.11
N TRP A 220 5.66 -9.71 -5.07
CA TRP A 220 5.81 -8.27 -4.95
C TRP A 220 4.74 -7.55 -5.77
N ASN A 221 4.10 -6.54 -5.16
CA ASN A 221 3.07 -5.75 -5.82
C ASN A 221 3.76 -4.58 -6.53
N SER A 222 4.21 -4.85 -7.76
CA SER A 222 5.19 -4.02 -8.46
C SER A 222 5.37 -4.56 -9.88
N PHE A 223 6.22 -3.92 -10.69
CA PHE A 223 6.60 -4.49 -11.99
C PHE A 223 8.04 -4.13 -12.28
N LYS A 224 8.70 -4.99 -13.07
CA LYS A 224 10.17 -4.97 -13.17
C LYS A 224 10.69 -3.59 -13.57
N GLU A 225 10.09 -2.97 -14.59
CA GLU A 225 10.60 -1.70 -15.09
C GLU A 225 10.35 -0.56 -14.10
N LEU A 226 9.48 -0.76 -13.11
CA LEU A 226 9.24 0.24 -12.08
C LEU A 226 10.39 0.33 -11.07
N GLU A 227 11.07 -0.77 -10.79
CA GLU A 227 12.07 -0.82 -9.73
C GLU A 227 13.26 -1.65 -10.18
N GLU A 228 13.68 -1.49 -11.44
CA GLU A 228 14.70 -2.37 -11.99
C GLU A 228 15.99 -2.27 -11.21
N SER A 229 16.30 -1.09 -10.66
CA SER A 229 17.55 -0.94 -9.90
C SER A 229 17.57 -1.88 -8.70
N GLU A 230 16.40 -2.21 -8.15
CA GLU A 230 16.29 -2.92 -6.89
C GLU A 230 16.25 -4.43 -7.02
N LEU A 231 16.11 -4.94 -8.25
CA LEU A 231 15.93 -6.38 -8.45
C LEU A 231 17.09 -7.19 -7.88
N GLU A 232 18.33 -6.72 -8.08
CA GLU A 232 19.49 -7.54 -7.73
C GLU A 232 19.55 -7.79 -6.22
N THR A 233 19.16 -6.80 -5.41
CA THR A 233 19.12 -6.97 -3.97
C THR A 233 18.15 -8.08 -3.57
N VAL A 234 16.91 -8.02 -4.08
CA VAL A 234 15.91 -9.02 -3.77
C VAL A 234 16.39 -10.41 -4.17
N ILE A 235 17.00 -10.52 -5.36
CA ILE A 235 17.53 -11.80 -5.82
C ILE A 235 18.66 -12.29 -4.92
N ARG A 236 19.48 -11.37 -4.40
CA ARG A 236 20.65 -11.74 -3.60
C ARG A 236 20.30 -11.98 -2.12
N GLU A 237 19.31 -11.24 -1.57
CA GLU A 237 18.96 -11.40 -0.14
C GLU A 237 17.96 -12.51 0.12
N ILE A 238 17.02 -12.74 -0.79
CA ILE A 238 15.95 -13.71 -0.55
C ILE A 238 16.23 -14.95 -1.40
N PRO A 239 16.51 -16.12 -0.79
CA PRO A 239 16.68 -17.34 -1.60
C PRO A 239 15.39 -17.79 -2.27
N ALA A 240 14.26 -17.54 -1.64
CA ALA A 240 12.96 -17.90 -2.21
C ALA A 240 12.74 -17.19 -3.56
N PRO A 241 12.04 -17.83 -4.51
CA PRO A 241 11.63 -17.15 -5.73
C PRO A 241 10.83 -15.88 -5.47
N SER A 242 11.03 -14.89 -6.34
CA SER A 242 10.30 -13.63 -6.31
C SER A 242 9.52 -13.42 -7.60
N PHE A 243 8.31 -12.87 -7.48
CA PHE A 243 7.42 -12.63 -8.62
C PHE A 243 6.88 -11.22 -8.51
N LEU A 244 7.01 -10.45 -9.60
CA LEU A 244 6.62 -9.03 -9.61
C LEU A 244 5.34 -8.92 -10.43
N ILE A 245 4.22 -8.67 -9.76
CA ILE A 245 2.91 -8.60 -10.39
C ILE A 245 2.27 -7.25 -10.05
N PRO A 246 1.97 -6.39 -11.03
CA PRO A 246 1.29 -5.12 -10.72
C PRO A 246 -0.21 -5.32 -10.58
N LEU A 247 -0.67 -5.57 -9.35
CA LEU A 247 -2.08 -5.86 -9.10
C LEU A 247 -3.06 -4.78 -9.59
N PRO A 248 -2.81 -3.48 -9.43
CA PRO A 248 -3.77 -2.50 -9.98
C PRO A 248 -3.98 -2.61 -11.49
N LYS A 249 -2.99 -3.08 -12.25
CA LYS A 249 -3.22 -3.32 -13.69
C LYS A 249 -4.15 -4.51 -13.93
N HIS A 250 -4.31 -5.39 -12.96
CA HIS A 250 -5.26 -6.48 -13.15
C HIS A 250 -6.68 -6.08 -12.74
N LEU A 251 -6.85 -5.51 -11.55
CA LEU A 251 -8.19 -5.12 -11.13
C LEU A 251 -8.09 -4.08 -10.02
N THR A 252 -9.21 -3.36 -9.83
CA THR A 252 -9.33 -2.42 -8.73
C THR A 252 -9.54 -3.18 -7.43
N ALA A 253 -9.20 -2.51 -6.33
CA ALA A 253 -9.50 -2.98 -4.98
C ALA A 253 -10.87 -2.52 -4.52
N SER A 254 -11.72 -2.11 -5.47
CA SER A 254 -12.99 -1.47 -5.14
C SER A 254 -13.84 -2.29 -4.18
N SER A 255 -14.06 -3.56 -4.49
CA SER A 255 -15.03 -4.31 -3.72
C SER A 255 -14.48 -4.81 -2.39
N SER A 256 -13.21 -4.53 -2.08
CA SER A 256 -12.66 -4.80 -0.75
C SER A 256 -12.58 -3.53 0.10
N SER A 257 -13.23 -2.44 -0.32
CA SER A 257 -13.34 -1.25 0.51
C SER A 257 -13.96 -1.59 1.88
N LEU A 258 -13.56 -0.84 2.91
CA LEU A 258 -14.15 -0.96 4.24
C LEU A 258 -15.02 0.22 4.63
N LEU A 259 -15.04 1.27 3.81
CA LEU A 259 -15.98 2.37 3.88
C LEU A 259 -16.87 2.33 2.62
N ASP A 260 -18.06 2.91 2.74
CA ASP A 260 -18.96 3.00 1.59
C ASP A 260 -18.46 4.07 0.62
N HIS A 261 -18.62 3.80 -0.68
CA HIS A 261 -18.18 4.74 -1.70
C HIS A 261 -19.19 5.89 -1.85
N ASP A 262 -18.68 7.09 -2.11
CA ASP A 262 -19.53 8.24 -2.43
C ASP A 262 -20.22 8.02 -3.79
N ARG A 263 -19.40 7.92 -4.85
CA ARG A 263 -19.79 7.67 -6.24
C ARG A 263 -20.77 8.71 -6.80
N THR A 264 -21.15 9.72 -6.00
CA THR A 264 -21.78 10.93 -6.55
C THR A 264 -20.68 11.71 -7.28
N VAL A 265 -19.43 11.47 -6.88
CA VAL A 265 -18.30 12.19 -7.44
C VAL A 265 -18.21 12.04 -8.95
N PHE A 266 -18.77 10.97 -9.52
CA PHE A 266 -18.57 10.74 -10.93
C PHE A 266 -19.47 11.61 -11.79
N GLN A 267 -20.70 11.91 -11.34
CA GLN A 267 -21.50 12.91 -12.06
C GLN A 267 -20.78 14.26 -12.12
N TRP A 268 -19.99 14.62 -11.09
CA TRP A 268 -19.32 15.92 -11.06
C TRP A 268 -18.03 15.91 -11.88
N LEU A 269 -17.28 14.80 -11.86
CA LEU A 269 -16.11 14.66 -12.72
C LEU A 269 -16.50 14.71 -14.20
N ASP A 270 -17.67 14.16 -14.55
CA ASP A 270 -18.23 14.24 -15.91
C ASP A 270 -18.46 15.68 -16.38
N GLN A 271 -18.33 16.66 -15.51
CA GLN A 271 -18.52 18.05 -15.91
C GLN A 271 -17.21 18.83 -15.93
N GLN A 272 -16.07 18.15 -15.82
CA GLN A 272 -14.82 18.88 -15.83
C GLN A 272 -14.09 18.66 -17.16
N PRO A 273 -13.37 19.67 -17.64
CA PRO A 273 -12.54 19.48 -18.82
C PRO A 273 -11.47 18.43 -18.53
N PRO A 274 -11.02 17.71 -19.56
CA PRO A 274 -9.98 16.68 -19.35
C PRO A 274 -8.77 17.21 -18.56
N SER A 275 -8.23 16.35 -17.67
CA SER A 275 -6.99 16.60 -16.93
C SER A 275 -7.00 17.91 -16.15
N SER A 276 -8.17 18.42 -15.78
CA SER A 276 -8.26 19.68 -15.07
C SER A 276 -8.44 19.53 -13.55
N VAL A 277 -8.56 18.31 -13.03
CA VAL A 277 -8.94 18.10 -11.64
C VAL A 277 -7.80 17.43 -10.89
N LEU A 278 -7.42 18.04 -9.77
CA LEU A 278 -6.48 17.47 -8.83
C LEU A 278 -7.21 16.57 -7.83
N TYR A 279 -6.86 15.30 -7.80
CA TYR A 279 -7.36 14.38 -6.78
C TYR A 279 -6.45 14.45 -5.55
N VAL A 280 -7.05 14.58 -4.36
CA VAL A 280 -6.30 14.67 -3.11
C VAL A 280 -6.82 13.60 -2.15
N SER A 281 -5.89 12.80 -1.60
CA SER A 281 -6.22 11.75 -0.64
C SER A 281 -4.97 11.34 0.12
N PHE A 282 -5.00 11.38 1.45
CA PHE A 282 -3.81 11.09 2.24
C PHE A 282 -3.92 9.73 2.93
N GLY A 283 -4.57 8.77 2.29
CA GLY A 283 -4.56 7.39 2.73
C GLY A 283 -5.75 7.02 3.61
N SER A 284 -5.58 5.91 4.32
CA SER A 284 -6.61 5.41 5.21
C SER A 284 -6.28 5.53 6.70
N THR A 285 -5.09 6.01 7.03
CA THR A 285 -4.67 6.00 8.41
C THR A 285 -4.15 7.33 8.88
N SER A 286 -3.84 8.22 7.97
CA SER A 286 -3.20 9.46 8.36
C SER A 286 -4.12 10.42 9.08
N GLU A 287 -3.53 11.23 9.93
CA GLU A 287 -4.22 12.28 10.62
C GLU A 287 -3.33 13.48 10.70
N VAL A 288 -3.96 14.62 10.86
CA VAL A 288 -3.25 15.86 10.70
C VAL A 288 -3.72 16.84 11.76
N ASP A 289 -2.85 17.74 12.20
CA ASP A 289 -3.26 18.68 13.22
C ASP A 289 -4.04 19.79 12.57
N GLU A 290 -5.25 20.00 13.02
CA GLU A 290 -6.12 21.00 12.42
C GLU A 290 -5.44 22.21 11.85
N LYS A 291 -4.41 22.70 12.49
CA LYS A 291 -3.66 23.81 11.94
C LYS A 291 -3.14 23.46 10.56
N ASP A 292 -2.56 22.29 10.44
CA ASP A 292 -2.10 21.75 9.18
C ASP A 292 -3.20 21.51 8.17
N PHE A 293 -4.38 21.14 8.61
CA PHE A 293 -5.44 20.79 7.70
C PHE A 293 -6.03 22.02 7.02
N LEU A 294 -5.95 23.15 7.68
CA LEU A 294 -6.41 24.38 7.09
C LEU A 294 -5.37 25.08 6.25
N GLU A 295 -4.15 24.61 6.31
CA GLU A 295 -3.09 25.10 5.46
C GLU A 295 -3.05 24.33 4.15
N ILE A 296 -3.41 23.06 4.23
CA ILE A 296 -3.64 22.23 3.08
C ILE A 296 -4.83 22.72 2.28
N ALA A 297 -5.89 23.04 2.98
CA ALA A 297 -7.06 23.65 2.34
C ALA A 297 -6.67 24.92 1.59
N ARG A 298 -5.96 25.83 2.24
CA ARG A 298 -5.67 27.11 1.59
C ARG A 298 -4.67 26.96 0.45
N GLY A 299 -3.78 25.96 0.52
CA GLY A 299 -2.96 25.65 -0.64
C GLY A 299 -3.80 25.23 -1.85
N LEU A 300 -4.83 24.40 -1.62
CA LEU A 300 -5.74 24.03 -2.71
C LEU A 300 -6.48 25.24 -3.28
N VAL A 301 -6.95 26.14 -2.42
CA VAL A 301 -7.64 27.34 -2.89
C VAL A 301 -6.68 28.24 -3.66
N ASP A 302 -5.48 28.46 -3.11
CA ASP A 302 -4.50 29.29 -3.80
C ASP A 302 -4.06 28.70 -5.13
N SER A 303 -4.14 27.37 -5.28
CA SER A 303 -3.69 26.73 -6.53
C SER A 303 -4.53 27.16 -7.71
N LYS A 304 -5.80 27.45 -7.49
CA LYS A 304 -6.75 27.93 -8.49
C LYS A 304 -7.27 26.80 -9.40
N GLN A 305 -6.83 25.56 -9.19
CA GLN A 305 -7.37 24.44 -9.96
C GLN A 305 -8.53 23.77 -9.22
N SER A 306 -9.35 23.04 -9.98
CA SER A 306 -10.41 22.22 -9.40
C SER A 306 -9.81 21.06 -8.62
N PHE A 307 -10.40 20.75 -7.47
CA PHE A 307 -9.94 19.60 -6.70
C PHE A 307 -11.13 18.78 -6.21
N LEU A 308 -10.89 17.48 -6.15
CA LEU A 308 -11.73 16.54 -5.44
C LEU A 308 -10.87 15.95 -4.32
N TRP A 309 -11.26 16.22 -3.08
CA TRP A 309 -10.44 15.93 -1.93
C TRP A 309 -11.17 14.94 -1.02
N VAL A 310 -10.58 13.76 -0.84
CA VAL A 310 -11.10 12.80 0.15
C VAL A 310 -10.50 13.15 1.51
N VAL A 311 -11.36 13.51 2.45
CA VAL A 311 -10.98 13.66 3.86
C VAL A 311 -11.74 12.57 4.62
N ARG A 312 -11.03 11.51 4.96
CA ARG A 312 -11.62 10.46 5.75
C ARG A 312 -11.91 10.98 7.15
N PRO A 313 -13.07 10.67 7.73
CA PRO A 313 -13.37 11.16 9.09
C PRO A 313 -12.34 10.67 10.09
N GLY A 314 -11.91 11.55 10.98
CA GLY A 314 -10.78 11.28 11.82
C GLY A 314 -9.47 11.81 11.28
N PHE A 315 -9.43 12.07 10.00
CA PHE A 315 -8.26 12.66 9.39
C PHE A 315 -7.79 13.82 10.23
N VAL A 316 -8.72 14.62 10.70
CA VAL A 316 -8.38 15.86 11.34
C VAL A 316 -8.34 15.73 12.84
N LYS A 317 -7.27 16.22 13.44
CA LYS A 317 -7.09 16.17 14.87
C LYS A 317 -7.45 17.49 15.49
N GLY A 318 -8.42 17.49 16.37
CA GLY A 318 -9.26 16.34 16.60
C GLY A 318 -10.53 17.02 16.20
N SER A 319 -11.21 16.42 15.25
CA SER A 319 -12.54 16.80 14.85
C SER A 319 -13.14 15.58 14.19
N THR A 320 -14.43 15.59 13.95
CA THR A 320 -15.10 14.36 13.56
C THR A 320 -15.26 14.22 12.07
N TRP A 321 -15.18 15.33 11.36
CA TRP A 321 -14.88 15.32 9.94
C TRP A 321 -14.44 16.76 9.90
N VAL A 322 -14.62 17.44 8.78
CA VAL A 322 -14.20 18.81 8.68
C VAL A 322 -14.82 20.04 9.32
N GLU A 323 -15.09 20.01 10.61
CA GLU A 323 -15.76 21.15 11.24
C GLU A 323 -15.01 22.49 11.24
N PRO A 324 -13.70 22.47 11.12
CA PRO A 324 -12.92 23.69 10.94
C PRO A 324 -13.00 24.34 9.54
N LEU A 325 -13.70 23.74 8.60
CA LEU A 325 -13.79 24.26 7.26
C LEU A 325 -14.95 25.23 7.10
N PRO A 326 -14.63 26.43 6.66
CA PRO A 326 -15.55 27.57 6.64
C PRO A 326 -16.32 27.67 5.32
N ASP A 327 -16.85 28.86 5.01
CA ASP A 327 -18.16 29.04 4.36
C ASP A 327 -19.15 28.44 3.34
N GLY A 328 -18.66 28.23 2.13
CA GLY A 328 -18.09 27.01 1.63
C GLY A 328 -16.84 27.82 1.36
N PHE A 329 -15.83 27.56 2.19
CA PHE A 329 -14.50 28.11 2.02
C PHE A 329 -13.88 27.62 0.72
N LEU A 330 -14.45 26.54 0.20
CA LEU A 330 -13.78 25.70 -0.75
C LEU A 330 -14.05 26.21 -2.15
N GLY A 331 -15.29 26.57 -2.39
CA GLY A 331 -16.11 25.91 -3.37
C GLY A 331 -16.30 26.72 -4.61
N GLU A 332 -17.12 26.22 -5.49
CA GLU A 332 -16.97 26.55 -6.87
C GLU A 332 -15.94 26.06 -7.84
N ARG A 333 -14.99 25.30 -7.28
CA ARG A 333 -14.20 24.28 -7.93
C ARG A 333 -13.64 23.19 -7.05
N GLY A 334 -13.92 23.24 -5.76
CA GLY A 334 -13.50 22.23 -4.85
C GLY A 334 -14.63 21.44 -4.25
N ARG A 335 -14.38 20.16 -4.01
CA ARG A 335 -15.36 19.23 -3.50
C ARG A 335 -14.70 18.40 -2.43
N ILE A 336 -15.37 18.15 -1.33
CA ILE A 336 -14.87 17.28 -0.27
C ILE A 336 -15.81 16.08 -0.10
N VAL A 337 -15.22 14.87 -0.04
CA VAL A 337 -15.96 13.63 0.14
C VAL A 337 -15.26 12.81 1.23
N LYS A 338 -15.98 11.83 1.76
CA LYS A 338 -15.46 11.01 2.84
C LYS A 338 -14.62 9.84 2.36
N TRP A 339 -14.91 9.34 1.15
CA TRP A 339 -14.35 8.09 0.64
C TRP A 339 -14.84 7.83 -0.78
N VAL A 340 -13.93 7.43 -1.68
CA VAL A 340 -14.27 7.17 -3.08
C VAL A 340 -13.73 5.82 -3.51
N PRO A 341 -14.20 5.27 -4.62
CA PRO A 341 -13.44 4.18 -5.25
C PRO A 341 -12.21 4.76 -5.94
N GLN A 342 -11.08 4.76 -5.23
CA GLN A 342 -9.95 5.62 -5.56
C GLN A 342 -9.41 5.36 -6.97
N GLN A 343 -9.21 4.09 -7.34
CA GLN A 343 -8.55 3.84 -8.61
C GLN A 343 -9.47 4.17 -9.78
N GLU A 344 -10.78 3.96 -9.61
CA GLU A 344 -11.75 4.36 -10.62
C GLU A 344 -11.69 5.87 -10.88
N VAL A 345 -11.48 6.64 -9.81
CA VAL A 345 -11.36 8.10 -9.93
C VAL A 345 -10.07 8.46 -10.65
N LEU A 346 -8.95 7.85 -10.26
CA LEU A 346 -7.67 8.12 -10.92
C LEU A 346 -7.75 7.82 -12.42
N ALA A 347 -8.67 6.95 -12.82
CA ALA A 347 -8.86 6.54 -14.21
C ALA A 347 -9.82 7.44 -14.98
N HIS A 348 -10.56 8.32 -14.30
CA HIS A 348 -11.47 9.22 -14.99
C HIS A 348 -10.68 10.31 -15.68
N GLY A 349 -11.11 10.69 -16.89
CA GLY A 349 -10.35 11.62 -17.72
C GLY A 349 -10.24 13.03 -17.18
N ALA A 350 -11.08 13.40 -16.21
CA ALA A 350 -10.97 14.73 -15.59
C ALA A 350 -9.75 14.87 -14.69
N ILE A 351 -9.18 13.75 -14.22
CA ILE A 351 -8.12 13.82 -13.23
C ILE A 351 -6.80 14.09 -13.93
N GLY A 352 -6.15 15.21 -13.59
CA GLY A 352 -4.90 15.61 -14.18
C GLY A 352 -3.74 15.39 -13.23
N ALA A 353 -4.02 15.29 -11.94
CA ALA A 353 -2.94 15.06 -10.99
C ALA A 353 -3.53 14.51 -9.70
N PHE A 354 -2.64 13.93 -8.90
CA PHE A 354 -3.03 13.21 -7.70
C PHE A 354 -2.07 13.66 -6.61
N TRP A 355 -2.60 14.33 -5.59
CA TRP A 355 -1.81 14.68 -4.41
C TRP A 355 -2.00 13.55 -3.37
N THR A 356 -0.94 12.78 -3.12
CA THR A 356 -0.99 11.56 -2.36
C THR A 356 -0.11 11.68 -1.12
N HIS A 357 -0.33 10.79 -0.16
CA HIS A 357 0.55 10.60 0.99
C HIS A 357 1.62 9.56 0.74
N SER A 358 1.76 9.09 -0.51
CA SER A 358 2.82 8.17 -0.93
C SER A 358 2.68 6.78 -0.34
N GLY A 359 1.50 6.40 0.14
CA GLY A 359 1.24 4.99 0.41
C GLY A 359 1.45 4.16 -0.85
N TRP A 360 2.01 2.95 -0.66
CA TRP A 360 2.48 2.23 -1.85
C TRP A 360 1.33 1.79 -2.75
N ASN A 361 0.17 1.47 -2.19
CA ASN A 361 -0.94 1.12 -3.06
C ASN A 361 -1.40 2.31 -3.87
N SER A 362 -1.63 3.45 -3.22
CA SER A 362 -2.07 4.63 -3.94
C SER A 362 -1.06 4.98 -5.04
N THR A 363 0.23 4.99 -4.68
CA THR A 363 1.29 5.34 -5.63
C THR A 363 1.26 4.44 -6.85
N LEU A 364 1.18 3.12 -6.62
CA LEU A 364 1.13 2.16 -7.72
C LEU A 364 -0.14 2.33 -8.53
N GLU A 365 -1.27 2.59 -7.86
CA GLU A 365 -2.53 2.84 -8.56
C GLU A 365 -2.38 4.02 -9.52
N SER A 366 -1.81 5.12 -9.03
CA SER A 366 -1.66 6.30 -9.87
C SER A 366 -0.68 6.02 -11.01
N VAL A 367 0.40 5.28 -10.75
CA VAL A 367 1.35 4.91 -11.80
C VAL A 367 0.64 4.09 -12.88
N CYS A 368 -0.26 3.22 -12.46
CA CYS A 368 -0.91 2.34 -13.41
C CYS A 368 -2.02 3.06 -14.18
N GLU A 369 -2.47 4.22 -13.69
CA GLU A 369 -3.42 5.05 -14.43
C GLU A 369 -2.77 6.22 -15.18
N GLY A 370 -1.47 6.42 -15.06
CA GLY A 370 -0.81 7.48 -15.82
C GLY A 370 -1.04 8.88 -15.30
N VAL A 371 -1.23 9.03 -13.99
CA VAL A 371 -1.53 10.31 -13.34
C VAL A 371 -0.28 10.79 -12.61
N PRO A 372 0.30 11.94 -12.95
CA PRO A 372 1.45 12.45 -12.18
C PRO A 372 0.99 12.89 -10.79
N MET A 373 1.94 12.99 -9.87
CA MET A 373 1.58 13.13 -8.47
C MET A 373 2.31 14.28 -7.77
N ILE A 374 1.68 14.76 -6.71
CA ILE A 374 2.33 15.58 -5.69
C ILE A 374 2.46 14.67 -4.48
N PHE A 375 3.63 14.67 -3.84
CA PHE A 375 3.92 13.76 -2.73
C PHE A 375 4.04 14.54 -1.44
N SER A 376 3.24 14.15 -0.44
CA SER A 376 3.48 14.36 0.99
C SER A 376 3.71 12.99 1.62
N ASP A 377 4.17 12.97 2.86
CA ASP A 377 4.41 11.69 3.52
C ASP A 377 4.13 11.79 5.00
N PHE A 378 3.84 10.65 5.61
CA PHE A 378 3.66 10.58 7.04
C PHE A 378 4.53 9.52 7.65
N GLY A 379 5.68 9.29 7.05
CA GLY A 379 6.62 8.35 7.61
C GLY A 379 6.57 6.96 7.06
N LEU A 380 7.28 6.05 7.70
CA LEU A 380 7.48 4.68 7.27
C LEU A 380 8.00 4.65 5.88
N ASP A 381 7.37 3.90 5.00
CA ASP A 381 7.90 3.72 3.67
C ASP A 381 7.59 4.85 2.72
N GLN A 382 6.69 5.73 3.13
CA GLN A 382 6.21 6.84 2.35
C GLN A 382 7.24 7.86 1.88
N PRO A 383 8.12 8.35 2.72
CA PRO A 383 9.07 9.34 2.17
C PRO A 383 10.05 8.76 1.16
N LEU A 384 10.27 7.43 1.19
CA LEU A 384 11.16 6.81 0.20
C LEU A 384 10.41 6.47 -1.08
N ASN A 385 9.14 6.05 -0.98
CA ASN A 385 8.29 6.01 -2.17
C ASN A 385 8.24 7.38 -2.84
N ALA A 386 8.09 8.43 -2.03
CA ALA A 386 8.01 9.78 -2.57
C ALA A 386 9.31 10.20 -3.23
N ARG A 387 10.45 9.95 -2.58
CA ARG A 387 11.72 10.32 -3.20
C ARG A 387 11.98 9.48 -4.44
N TYR A 388 11.61 8.19 -4.41
CA TYR A 388 11.88 7.33 -5.55
C TYR A 388 11.06 7.78 -6.77
N MET A 389 9.74 7.96 -6.60
CA MET A 389 8.91 8.36 -7.73
C MET A 389 9.25 9.77 -8.22
N SER A 390 9.68 10.67 -7.34
CA SER A 390 9.86 12.06 -7.72
C SER A 390 11.24 12.37 -8.28
N ASP A 391 12.25 11.57 -7.94
CA ASP A 391 13.63 11.85 -8.37
C ASP A 391 14.25 10.78 -9.27
N VAL A 392 13.77 9.53 -9.22
CA VAL A 392 14.28 8.48 -10.11
C VAL A 392 13.36 8.37 -11.32
N LEU A 393 12.09 8.04 -11.09
CA LEU A 393 11.11 8.02 -12.18
C LEU A 393 10.76 9.43 -12.65
N LYS A 394 10.58 10.37 -11.71
CA LYS A 394 10.19 11.75 -11.97
C LYS A 394 8.80 11.80 -12.56
N VAL A 395 7.85 11.26 -11.81
CA VAL A 395 6.45 11.32 -12.15
C VAL A 395 5.67 12.18 -11.16
N GLY A 396 6.38 13.00 -10.39
CA GLY A 396 5.71 14.01 -9.59
C GLY A 396 6.70 14.88 -8.86
N VAL A 397 6.17 15.80 -8.08
CA VAL A 397 7.01 16.62 -7.22
C VAL A 397 6.71 16.28 -5.77
N TYR A 398 7.73 16.48 -4.94
CA TYR A 398 7.76 16.08 -3.53
C TYR A 398 7.81 17.34 -2.67
N LEU A 399 6.74 17.60 -1.93
CA LEU A 399 6.76 18.66 -0.92
C LEU A 399 7.37 18.10 0.37
N GLU A 400 8.69 18.28 0.52
CA GLU A 400 9.44 17.64 1.59
C GLU A 400 9.70 18.54 2.78
N ASN A 401 9.20 19.79 2.74
CA ASN A 401 9.39 20.76 3.81
C ASN A 401 8.05 21.12 4.46
N GLY A 402 7.13 20.17 4.55
CA GLY A 402 5.91 20.39 5.27
C GLY A 402 4.83 21.11 4.47
N TRP A 403 3.88 21.69 5.21
CA TRP A 403 2.67 22.30 4.66
C TRP A 403 2.85 23.81 4.56
N GLU A 404 2.98 24.33 3.36
CA GLU A 404 2.86 25.77 3.20
C GLU A 404 2.08 26.04 1.92
N ARG A 405 1.14 26.98 2.00
CA ARG A 405 0.19 27.19 0.90
C ARG A 405 0.92 27.54 -0.38
N GLY A 406 1.79 28.55 -0.32
CA GLY A 406 2.56 28.91 -1.49
C GLY A 406 3.20 27.71 -2.16
N GLU A 407 4.07 27.00 -1.43
CA GLU A 407 4.75 25.84 -1.98
C GLU A 407 3.76 24.75 -2.43
N ILE A 408 2.61 24.62 -1.74
CA ILE A 408 1.57 23.71 -2.22
C ILE A 408 1.04 24.17 -3.57
N ALA A 409 0.66 25.45 -3.67
CA ALA A 409 0.03 25.97 -4.88
C ALA A 409 0.96 25.91 -6.09
N ASN A 410 2.27 26.11 -5.90
CA ASN A 410 3.20 25.99 -7.01
C ASN A 410 3.46 24.53 -7.41
N ALA A 411 3.45 23.60 -6.45
CA ALA A 411 3.58 22.19 -6.80
C ALA A 411 2.40 21.74 -7.66
N ILE A 412 1.18 21.98 -7.17
CA ILE A 412 -0.03 21.66 -7.92
C ILE A 412 0.04 22.24 -9.32
N ARG A 413 0.43 23.52 -9.42
CA ARG A 413 0.38 24.20 -10.72
C ARG A 413 1.46 23.67 -11.65
N ARG A 414 2.64 23.40 -11.10
CA ARG A 414 3.74 22.93 -11.94
C ARG A 414 3.43 21.56 -12.53
N VAL A 415 2.82 20.69 -11.73
CA VAL A 415 2.42 19.38 -12.24
C VAL A 415 1.24 19.51 -13.20
N MET A 416 0.29 20.40 -12.89
CA MET A 416 -0.96 20.40 -13.66
C MET A 416 -0.98 21.38 -14.83
N VAL A 417 -0.40 22.59 -14.71
CA VAL A 417 -0.55 23.63 -15.74
C VAL A 417 0.78 24.07 -16.33
N ASP A 418 1.80 24.31 -15.49
CA ASP A 418 3.08 24.83 -15.96
C ASP A 418 3.63 24.04 -17.14
N GLU A 419 4.20 24.75 -18.13
CA GLU A 419 4.92 24.07 -19.22
C GLU A 419 6.11 23.30 -18.65
N GLU A 420 6.75 23.86 -17.62
CA GLU A 420 7.93 23.27 -17.00
C GLU A 420 7.66 21.87 -16.45
N GLY A 421 6.41 21.56 -16.12
CA GLY A 421 6.09 20.23 -15.65
C GLY A 421 5.65 19.27 -16.73
N GLU A 422 5.69 19.67 -18.01
CA GLU A 422 5.22 18.76 -19.05
C GLU A 422 6.01 17.46 -19.07
N TYR A 423 7.33 17.51 -18.79
CA TYR A 423 8.08 16.26 -18.75
C TYR A 423 7.60 15.34 -17.63
N ILE A 424 7.12 15.91 -16.52
CA ILE A 424 6.57 15.08 -15.44
C ILE A 424 5.27 14.41 -15.90
N ARG A 425 4.42 15.15 -16.62
CA ARG A 425 3.22 14.53 -17.14
C ARG A 425 3.56 13.48 -18.19
N GLN A 426 4.53 13.78 -19.06
CA GLN A 426 4.90 12.80 -20.07
C GLN A 426 5.47 11.54 -19.42
N ASN A 427 6.29 11.72 -18.37
CA ASN A 427 6.82 10.57 -17.64
C ASN A 427 5.70 9.70 -17.09
N ALA A 428 4.70 10.32 -16.46
CA ALA A 428 3.58 9.54 -15.94
C ALA A 428 2.91 8.75 -17.06
N ARG A 429 2.59 9.40 -18.19
CA ARG A 429 1.94 8.71 -19.30
C ARG A 429 2.77 7.52 -19.81
N VAL A 430 4.10 7.71 -19.90
CA VAL A 430 4.98 6.65 -20.39
C VAL A 430 5.10 5.50 -19.38
N LEU A 431 5.27 5.84 -18.10
CA LEU A 431 5.37 4.81 -17.05
C LEU A 431 4.18 3.87 -17.11
N LYS A 432 2.97 4.44 -17.28
CA LYS A 432 1.76 3.65 -17.47
C LYS A 432 1.92 2.65 -18.61
N GLN A 433 2.33 3.13 -19.80
CA GLN A 433 2.50 2.25 -20.95
C GLN A 433 3.47 1.11 -20.65
N LYS A 434 4.49 1.39 -19.82
CA LYS A 434 5.41 0.32 -19.42
C LYS A 434 4.72 -0.73 -18.58
N ALA A 435 3.84 -0.30 -17.66
CA ALA A 435 3.03 -1.23 -16.89
C ALA A 435 2.13 -2.08 -17.79
N ASP A 436 1.52 -1.47 -18.82
CA ASP A 436 0.65 -2.24 -19.71
C ASP A 436 1.44 -3.16 -20.63
N VAL A 437 2.61 -2.72 -21.08
CA VAL A 437 3.46 -3.58 -21.88
C VAL A 437 3.94 -4.78 -21.05
N SER A 438 4.25 -4.57 -19.77
CA SER A 438 4.73 -5.69 -18.96
C SER A 438 3.67 -6.78 -18.84
N LEU A 439 2.38 -6.44 -19.05
CA LEU A 439 1.28 -7.38 -18.92
C LEU A 439 1.08 -8.25 -20.17
N MET A 440 1.55 -7.81 -21.34
CA MET A 440 1.40 -8.54 -22.60
C MET A 440 2.40 -9.68 -22.68
N LYS A 441 2.08 -10.65 -23.54
CA LYS A 441 2.89 -11.86 -23.70
C LYS A 441 4.35 -11.49 -23.99
N GLY A 442 5.27 -12.12 -23.25
CA GLY A 442 6.68 -11.77 -23.31
C GLY A 442 7.10 -10.60 -22.42
N GLY A 443 6.16 -9.99 -21.68
CA GLY A 443 6.50 -8.93 -20.75
C GLY A 443 6.84 -9.45 -19.34
N SER A 444 7.49 -8.57 -18.56
CA SER A 444 8.05 -8.97 -17.26
C SER A 444 6.96 -9.47 -16.31
N SER A 445 5.86 -8.71 -16.19
CA SER A 445 4.75 -9.05 -15.29
C SER A 445 4.01 -10.30 -15.75
N TYR A 446 3.73 -10.39 -17.06
CA TYR A 446 3.12 -11.58 -17.63
C TYR A 446 3.91 -12.84 -17.27
N GLU A 447 5.24 -12.81 -17.48
CA GLU A 447 6.03 -14.00 -17.21
C GLU A 447 6.10 -14.31 -15.72
N SER A 448 6.13 -13.28 -14.85
CA SER A 448 6.08 -13.54 -13.40
C SER A 448 4.81 -14.27 -13.01
N LEU A 449 3.65 -13.82 -13.55
CA LEU A 449 2.39 -14.45 -13.17
C LEU A 449 2.35 -15.89 -13.67
N GLU A 450 2.81 -16.13 -14.91
CA GLU A 450 2.91 -17.49 -15.43
C GLU A 450 3.84 -18.36 -14.59
N SER A 451 4.96 -17.78 -14.13
CA SER A 451 5.86 -18.54 -13.27
C SER A 451 5.23 -18.81 -11.91
N LEU A 452 4.55 -17.81 -11.34
CA LEU A 452 3.96 -17.98 -10.02
C LEU A 452 2.89 -19.04 -10.04
N VAL A 453 2.03 -19.02 -11.08
CA VAL A 453 0.96 -20.01 -11.13
C VAL A 453 1.52 -21.42 -11.30
N SER A 454 2.54 -21.58 -12.17
CA SER A 454 3.12 -22.91 -12.35
C SER A 454 3.89 -23.36 -11.12
N TYR A 455 4.52 -22.41 -10.42
CA TYR A 455 5.18 -22.71 -9.16
C TYR A 455 4.20 -23.23 -8.11
N ILE A 456 3.09 -22.51 -7.91
CA ILE A 456 2.10 -22.92 -6.90
C ILE A 456 1.50 -24.27 -7.26
N SER A 457 1.35 -24.56 -8.56
CA SER A 457 0.81 -25.84 -8.99
C SER A 457 1.76 -27.00 -8.69
N SER A 458 3.07 -26.73 -8.62
CA SER A 458 4.04 -27.78 -8.32
C SER A 458 4.18 -28.06 -6.82
N LEU A 459 4.01 -27.03 -5.96
CA LEU A 459 3.99 -27.28 -4.52
C LEU A 459 2.99 -28.37 -4.15
N THR A 460 1.86 -28.41 -4.87
CA THR A 460 0.86 -29.47 -4.77
C THR A 460 1.39 -30.79 -5.34
#